data_3DO7
#
_entry.id   3DO7
#
_cell.length_a   77.640
_cell.length_b   124.130
_cell.length_c   189.590
_cell.angle_alpha   90.00
_cell.angle_beta   90.00
_cell.angle_gamma   90.00
#
_symmetry.space_group_name_H-M   'C 2 2 21'
#
loop_
_entity.id
_entity.type
_entity.pdbx_description
1 polymer "5'-D(*DCP*DGP*DGP*DGP*DAP*DAP*DTP*DTP*DCP*DCP*DC)-3'"
2 polymer 'Avian reticuloendotheliosis viral (V-rel) oncogene related B'
3 polymer 'Nuclear factor NF-kappa-B p100 subunit'
4 water water
#
loop_
_entity_poly.entity_id
_entity_poly.type
_entity_poly.pdbx_seq_one_letter_code
_entity_poly.pdbx_strand_id
1 'polydeoxyribonucleotide' (DC)(DG)(DG)(DG)(DA)(DA)(DT)(DT)(DC)(DC)(DC) C,D,E
2 'polypeptide(L)'
;SCTLGRLVSPGPCPRPYLVITEQPKQRGMRFRYECEGRSAGSILGESSTEASKTQPAIELRDCGGLREVEVTACLVWKDW
PHRVHPHSLVGKDCTDGVCRVRLRPHVSPRHSFNNLGIQCVRKKEIEAAIERKIQLGIDPYNAGSLKNHQEVDMNVVRIC
FQASYRDQQGHLHRMDPILSEPVYDKKSTNTSELRICRINKESGPCTGGEELYLLCDKVQKEDISVVFSTASWEGRADFS
QADVHRQIAIVFKTPPYEDLEISEPVTVNVFLQRLTDGVCSEPLPFTYLPRDHDSY
;
A
3 'polypeptide(L)'
;GPYLVIVEQPKQRGFRFRYGCEGPSHGGLPGASSEKGRKTYPTVKICNYEGPAKIEVDLVTHSDPPRAHAHSLVGKQCSE
LGICAVSVGPKDMTAQFNNLGVLHVTKKNMMGTMIQKLQRQRLRSRPQGLTEAEQRELEQEAKELKKVMDLSIVRLRFSA
FLRDSDGSFSLPLKPVISQPIHDSKSPGASNLKISRMDKTAGSVRGGDEVYLLCDKVQKDDIEVRFYEDDENGWQAFGDF
SPTDVHKQYAIVFRTPPYHKMKIERPVTVFLQLKRKRGGDVSDSKQFTYYPLV
;
B
#
loop_
_chem_comp.id
_chem_comp.type
_chem_comp.name
_chem_comp.formula
DA DNA linking 2'-DEOXYADENOSINE-5'-MONOPHOSPHATE 'C10 H14 N5 O6 P'
DC DNA linking 2'-DEOXYCYTIDINE-5'-MONOPHOSPHATE 'C9 H14 N3 O7 P'
DG DNA linking 2'-DEOXYGUANOSINE-5'-MONOPHOSPHATE 'C10 H14 N5 O7 P'
DT DNA linking THYMIDINE-5'-MONOPHOSPHATE 'C10 H15 N2 O8 P'
#
# COMPACT_ATOMS: atom_id res chain seq x y z
N SER D 1 28.70 -6.03 -52.11
CA SER D 1 27.73 -6.09 -50.97
C SER D 1 26.72 -7.22 -51.14
N CYS D 2 25.74 -6.99 -52.01
CA CYS D 2 24.69 -7.98 -52.28
C CYS D 2 25.30 -9.27 -52.83
N THR D 3 25.05 -10.38 -52.13
CA THR D 3 25.58 -11.67 -52.54
C THR D 3 24.97 -12.22 -53.82
N LEU D 4 23.69 -12.61 -53.76
CA LEU D 4 23.00 -13.18 -54.91
C LEU D 4 21.75 -12.37 -55.28
N GLY D 5 21.29 -12.55 -56.50
CA GLY D 5 20.09 -11.85 -56.98
C GLY D 5 18.85 -12.67 -56.71
N ARG D 6 17.67 -12.11 -56.96
CA ARG D 6 16.42 -12.85 -56.70
C ARG D 6 16.23 -14.05 -57.62
N LEU D 7 17.24 -14.91 -57.67
CA LEU D 7 17.18 -16.11 -58.48
C LEU D 7 16.10 -17.02 -57.89
N VAL D 8 15.33 -17.66 -58.76
CA VAL D 8 14.26 -18.54 -58.31
C VAL D 8 14.82 -19.75 -57.56
N SER D 9 16.00 -19.57 -56.97
CA SER D 9 16.65 -20.64 -56.22
C SER D 9 15.75 -21.10 -55.07
N PRO D 10 15.34 -20.18 -54.17
CA PRO D 10 14.48 -20.59 -53.06
C PRO D 10 13.13 -21.08 -53.56
N GLY D 11 12.44 -20.24 -54.33
CA GLY D 11 11.13 -20.59 -54.86
C GLY D 11 10.15 -20.83 -53.73
N PRO D 12 9.02 -20.08 -53.69
CA PRO D 12 8.00 -20.22 -52.64
C PRO D 12 8.01 -21.58 -51.94
N CYS D 13 8.97 -21.75 -51.03
CA CYS D 13 9.10 -23.00 -50.29
C CYS D 13 9.91 -22.81 -49.01
N PRO D 14 11.19 -22.41 -49.12
CA PRO D 14 11.98 -22.21 -47.90
C PRO D 14 11.57 -20.95 -47.15
N ARG D 15 12.55 -20.29 -46.52
CA ARG D 15 12.31 -19.07 -45.76
C ARG D 15 11.51 -19.34 -44.47
N PRO D 16 12.18 -19.95 -43.48
CA PRO D 16 11.56 -20.27 -42.20
C PRO D 16 11.40 -19.07 -41.28
N TYR D 17 10.39 -19.14 -40.42
CA TYR D 17 10.10 -18.08 -39.46
C TYR D 17 9.21 -18.71 -38.38
N LEU D 18 9.00 -17.98 -37.28
CA LEU D 18 8.18 -18.47 -36.18
C LEU D 18 6.94 -17.62 -35.94
N VAL D 19 6.17 -17.95 -34.92
CA VAL D 19 4.95 -17.19 -34.61
C VAL D 19 4.31 -17.53 -33.27
N ILE D 20 3.91 -16.49 -32.53
CA ILE D 20 3.26 -16.72 -31.25
C ILE D 20 1.86 -17.25 -31.56
N THR D 21 1.55 -18.42 -31.01
CA THR D 21 0.24 -19.03 -31.22
C THR D 21 -0.70 -18.61 -30.10
N GLU D 22 -0.12 -18.36 -28.94
CA GLU D 22 -0.88 -17.95 -27.77
C GLU D 22 -0.07 -16.90 -27.01
N GLN D 23 -0.52 -15.65 -27.07
CA GLN D 23 0.17 -14.57 -26.38
C GLN D 23 0.10 -14.70 -24.87
N PRO D 24 1.12 -14.18 -24.18
CA PRO D 24 1.17 -14.24 -22.71
C PRO D 24 0.19 -13.25 -22.11
N LYS D 25 -0.72 -13.74 -21.27
CA LYS D 25 -1.73 -12.89 -20.65
C LYS D 25 -1.24 -11.47 -20.43
N GLN D 26 -1.98 -10.51 -20.99
CA GLN D 26 -1.65 -9.09 -20.89
C GLN D 26 -1.25 -8.67 -19.49
N ARG D 27 -2.25 -8.41 -18.64
CA ARG D 27 -2.00 -7.99 -17.28
C ARG D 27 -2.67 -8.92 -16.28
N GLY D 28 -1.93 -9.25 -15.21
CA GLY D 28 -2.45 -10.13 -14.18
C GLY D 28 -1.30 -10.80 -13.45
N MET D 29 -0.14 -10.83 -14.10
CA MET D 29 1.05 -11.44 -13.53
C MET D 29 1.82 -10.49 -12.61
N ARG D 30 1.98 -10.88 -11.36
CA ARG D 30 2.72 -10.08 -10.40
C ARG D 30 4.24 -10.23 -10.57
N PHE D 31 4.89 -9.20 -11.08
CA PHE D 31 6.34 -9.25 -11.21
C PHE D 31 6.83 -9.45 -9.79
N ARG D 32 8.01 -10.06 -9.63
CA ARG D 32 8.55 -10.26 -8.29
C ARG D 32 10.00 -9.80 -8.25
N TYR D 33 10.47 -9.41 -7.08
CA TYR D 33 11.85 -8.93 -6.95
C TYR D 33 12.76 -10.09 -6.58
N GLU D 34 14.06 -9.87 -6.66
CA GLU D 34 15.01 -10.91 -6.30
C GLU D 34 15.05 -10.92 -4.78
N CYS D 35 14.12 -10.18 -4.18
CA CYS D 35 14.01 -10.07 -2.73
C CYS D 35 12.98 -11.08 -2.24
N GLU D 36 12.01 -11.35 -3.10
CA GLU D 36 10.96 -12.30 -2.76
C GLU D 36 11.46 -13.71 -3.08
N GLY D 37 12.69 -13.80 -3.56
CA GLY D 37 13.27 -15.09 -3.91
C GLY D 37 12.29 -16.01 -4.65
N ARG D 38 12.39 -16.03 -5.96
CA ARG D 38 11.52 -16.89 -6.78
C ARG D 38 12.29 -17.33 -8.00
N SER D 39 11.71 -18.25 -8.76
CA SER D 39 12.36 -18.74 -9.96
C SER D 39 11.36 -19.17 -11.03
N ALA D 40 10.20 -19.66 -10.61
CA ALA D 40 9.18 -20.09 -11.55
C ALA D 40 7.92 -19.26 -11.42
N GLY D 41 7.40 -18.80 -12.55
CA GLY D 41 6.18 -18.01 -12.52
C GLY D 41 4.94 -18.83 -12.83
N SER D 42 3.96 -18.20 -13.44
CA SER D 42 2.71 -18.88 -13.78
C SER D 42 2.03 -18.24 -14.98
N ILE D 43 2.70 -17.26 -15.57
CA ILE D 43 2.21 -16.55 -16.74
C ILE D 43 1.23 -17.41 -17.54
N LEU D 44 0.10 -16.82 -17.93
CA LEU D 44 -0.91 -17.54 -18.70
C LEU D 44 -0.97 -17.00 -20.13
N GLY D 45 -1.88 -17.55 -20.92
CA GLY D 45 -2.03 -17.10 -22.29
C GLY D 45 -3.19 -16.13 -22.43
N GLU D 46 -2.91 -14.94 -22.97
CA GLU D 46 -3.89 -13.88 -23.20
C GLU D 46 -5.32 -14.27 -22.86
N SER D 47 -5.82 -15.31 -23.53
CA SER D 47 -7.17 -15.79 -23.31
C SER D 47 -7.17 -17.13 -22.60
N SER D 48 -6.96 -17.10 -21.29
CA SER D 48 -6.93 -18.32 -20.49
C SER D 48 -8.31 -18.66 -19.94
N THR D 49 -8.39 -18.96 -18.66
CA THR D 49 -9.63 -19.32 -17.99
C THR D 49 -9.33 -19.85 -16.61
N GLU D 50 -10.19 -19.49 -15.65
CA GLU D 50 -9.99 -19.95 -14.27
C GLU D 50 -9.98 -21.48 -14.23
N ALA D 51 -10.52 -22.10 -15.27
CA ALA D 51 -10.57 -23.56 -15.37
C ALA D 51 -9.27 -24.06 -16.00
N SER D 52 -9.38 -24.73 -17.13
CA SER D 52 -8.21 -25.25 -17.83
C SER D 52 -7.41 -24.11 -18.45
N LYS D 53 -6.91 -23.23 -17.58
CA LYS D 53 -6.14 -22.07 -18.01
C LYS D 53 -5.06 -22.41 -19.04
N THR D 54 -5.19 -21.82 -20.22
CA THR D 54 -4.24 -22.02 -21.30
C THR D 54 -2.85 -21.54 -20.86
N GLN D 55 -1.89 -21.58 -21.78
CA GLN D 55 -0.53 -21.14 -21.48
C GLN D 55 0.13 -20.58 -22.73
N PRO D 56 1.23 -19.84 -22.56
CA PRO D 56 2.00 -19.24 -23.66
C PRO D 56 2.57 -20.30 -24.61
N ALA D 57 1.88 -20.54 -25.72
CA ALA D 57 2.32 -21.54 -26.69
C ALA D 57 2.66 -20.94 -28.05
N ILE D 58 3.78 -21.38 -28.62
CA ILE D 58 4.24 -20.90 -29.92
C ILE D 58 4.68 -22.08 -30.78
N GLU D 59 4.61 -21.91 -32.10
CA GLU D 59 5.03 -22.96 -33.04
C GLU D 59 5.96 -22.41 -34.11
N LEU D 60 6.42 -23.29 -34.99
CA LEU D 60 7.32 -22.90 -36.06
C LEU D 60 6.68 -23.18 -37.43
N ARG D 61 6.95 -22.31 -38.39
CA ARG D 61 6.43 -22.47 -39.73
C ARG D 61 7.59 -22.37 -40.73
N ASP D 62 7.73 -23.40 -41.57
CA ASP D 62 8.79 -23.48 -42.57
C ASP D 62 10.07 -24.04 -41.96
N CYS D 63 9.90 -24.86 -40.92
CA CYS D 63 11.01 -25.49 -40.22
C CYS D 63 11.44 -26.77 -40.92
N GLY D 64 10.85 -27.00 -42.10
CA GLY D 64 11.16 -28.20 -42.88
C GLY D 64 12.59 -28.17 -43.38
N GLY D 65 13.30 -29.28 -43.15
CA GLY D 65 14.67 -29.38 -43.58
C GLY D 65 15.57 -29.07 -42.40
N LEU D 66 14.95 -28.65 -41.30
CA LEU D 66 15.65 -28.32 -40.07
C LEU D 66 15.72 -29.54 -39.17
N ARG D 67 16.79 -29.64 -38.39
CA ARG D 67 16.99 -30.76 -37.48
C ARG D 67 16.61 -30.42 -36.04
N GLU D 68 17.19 -29.34 -35.53
CA GLU D 68 16.93 -28.89 -34.17
C GLU D 68 17.08 -27.37 -34.10
N VAL D 69 16.12 -26.71 -33.48
CA VAL D 69 16.14 -25.26 -33.36
C VAL D 69 16.06 -24.80 -31.90
N GLU D 70 16.64 -23.63 -31.61
CA GLU D 70 16.63 -23.10 -30.25
C GLU D 70 15.90 -21.77 -30.16
N VAL D 71 15.05 -21.63 -29.13
CA VAL D 71 14.27 -20.41 -28.92
C VAL D 71 14.95 -19.49 -27.90
N THR D 72 14.70 -18.19 -28.02
CA THR D 72 15.32 -17.22 -27.12
C THR D 72 14.35 -16.15 -26.61
N ALA D 73 13.66 -16.46 -25.50
CA ALA D 73 12.72 -15.53 -24.89
C ALA D 73 13.51 -14.56 -24.02
N CYS D 74 13.27 -13.26 -24.19
CA CYS D 74 13.97 -12.22 -23.43
C CYS D 74 13.10 -10.97 -23.28
N LEU D 75 13.34 -10.19 -22.22
CA LEU D 75 12.55 -8.98 -21.96
C LEU D 75 13.11 -7.68 -22.52
N VAL D 76 12.31 -7.02 -23.37
CA VAL D 76 12.68 -5.75 -23.98
C VAL D 76 11.52 -4.77 -23.73
N TRP D 77 11.78 -3.47 -23.87
CA TRP D 77 10.75 -2.45 -23.65
C TRP D 77 9.49 -2.66 -24.48
N LYS D 78 8.75 -1.59 -24.74
CA LYS D 78 7.51 -1.71 -25.50
C LYS D 78 7.41 -0.78 -26.69
N ASP D 79 8.37 0.14 -26.81
CA ASP D 79 8.34 1.08 -27.93
C ASP D 79 9.55 0.94 -28.85
N TRP D 80 9.52 1.67 -29.96
CA TRP D 80 10.58 1.66 -30.97
C TRP D 80 11.91 1.05 -30.50
N PRO D 81 12.63 1.73 -29.60
CA PRO D 81 13.92 1.16 -29.17
C PRO D 81 13.71 0.03 -28.16
N HIS D 82 13.32 -1.14 -28.66
CA HIS D 82 13.08 -2.31 -27.83
C HIS D 82 14.34 -2.78 -27.11
N ARG D 83 15.08 -1.84 -26.52
CA ARG D 83 16.30 -2.17 -25.80
C ARG D 83 16.06 -3.33 -24.83
N VAL D 84 17.13 -3.98 -24.41
CA VAL D 84 17.01 -5.08 -23.47
C VAL D 84 16.46 -4.52 -22.16
N HIS D 85 15.26 -4.96 -21.79
CA HIS D 85 14.64 -4.48 -20.55
C HIS D 85 15.39 -4.97 -19.32
N PRO D 86 15.56 -4.10 -18.30
CA PRO D 86 16.27 -4.49 -17.08
C PRO D 86 15.68 -5.68 -16.34
N HIS D 87 14.36 -5.76 -16.27
CA HIS D 87 13.73 -6.88 -15.58
C HIS D 87 14.09 -8.17 -16.27
N SER D 88 14.63 -9.10 -15.51
CA SER D 88 15.03 -10.38 -16.07
C SER D 88 13.90 -11.39 -15.95
N LEU D 89 13.77 -12.22 -16.97
CA LEU D 89 12.76 -13.25 -17.02
C LEU D 89 13.27 -14.53 -16.35
N VAL D 90 12.63 -14.95 -15.27
CA VAL D 90 13.05 -16.16 -14.57
C VAL D 90 12.15 -17.35 -14.87
N GLY D 91 12.61 -18.54 -14.49
CA GLY D 91 11.88 -19.77 -14.73
C GLY D 91 12.81 -20.90 -15.14
N LYS D 92 12.23 -22.02 -15.55
CA LYS D 92 13.02 -23.17 -15.97
C LYS D 92 13.76 -22.84 -17.26
N ASP D 93 15.00 -23.29 -17.36
CA ASP D 93 15.83 -23.05 -18.52
C ASP D 93 16.07 -21.57 -18.82
N CYS D 94 15.86 -20.72 -17.81
CA CYS D 94 16.08 -19.28 -17.98
C CYS D 94 17.38 -18.95 -17.26
N THR D 95 18.39 -18.57 -18.02
CA THR D 95 19.69 -18.24 -17.45
C THR D 95 19.79 -16.79 -16.97
N ASP D 96 19.70 -15.84 -17.90
CA ASP D 96 19.77 -14.43 -17.55
C ASP D 96 18.71 -13.64 -18.29
N GLY D 97 17.49 -13.69 -17.78
CA GLY D 97 16.42 -12.95 -18.44
C GLY D 97 16.12 -13.57 -19.78
N VAL D 98 16.63 -14.79 -20.00
CA VAL D 98 16.40 -15.51 -21.25
C VAL D 98 16.19 -17.00 -21.03
N CYS D 99 15.19 -17.53 -21.72
CA CYS D 99 14.83 -18.93 -21.64
C CYS D 99 15.19 -19.57 -22.96
N ARG D 100 15.47 -20.87 -22.92
CA ARG D 100 15.82 -21.61 -24.12
C ARG D 100 15.25 -23.00 -24.09
N VAL D 101 14.80 -23.46 -25.26
CA VAL D 101 14.25 -24.78 -25.37
C VAL D 101 14.60 -25.36 -26.73
N ARG D 102 15.44 -26.39 -26.70
CA ARG D 102 15.90 -27.08 -27.90
C ARG D 102 14.77 -27.94 -28.44
N LEU D 103 13.66 -27.30 -28.81
CA LEU D 103 12.50 -28.03 -29.33
C LEU D 103 12.77 -28.64 -30.70
N ARG D 104 12.46 -29.93 -30.83
CA ARG D 104 12.65 -30.64 -32.09
C ARG D 104 11.67 -30.04 -33.09
N PRO D 105 12.19 -29.43 -34.15
CA PRO D 105 11.37 -28.81 -35.19
C PRO D 105 10.27 -29.73 -35.71
N HIS D 106 10.64 -30.64 -36.60
CA HIS D 106 9.69 -31.57 -37.21
C HIS D 106 8.73 -32.20 -36.20
N VAL D 107 9.16 -33.30 -35.59
CA VAL D 107 8.35 -34.00 -34.61
C VAL D 107 7.76 -33.07 -33.56
N SER D 108 6.58 -32.52 -33.86
CA SER D 108 5.87 -31.60 -32.96
C SER D 108 6.58 -30.28 -32.70
N PRO D 109 6.36 -29.29 -33.57
CA PRO D 109 6.98 -27.96 -33.43
C PRO D 109 6.05 -27.06 -32.61
N ARG D 110 6.18 -27.10 -31.29
CA ARG D 110 5.34 -26.30 -30.42
C ARG D 110 5.76 -26.42 -28.95
N HIS D 111 5.98 -25.30 -28.29
CA HIS D 111 6.37 -25.33 -26.88
C HIS D 111 5.44 -24.53 -25.98
N SER D 112 4.87 -25.22 -24.99
CA SER D 112 3.98 -24.60 -24.02
C SER D 112 4.80 -24.34 -22.76
N PHE D 113 4.99 -23.07 -22.43
CA PHE D 113 5.76 -22.72 -21.24
C PHE D 113 4.89 -22.87 -19.99
N ASN D 114 5.48 -23.43 -18.94
CA ASN D 114 4.76 -23.64 -17.68
C ASN D 114 5.28 -22.67 -16.63
N ASN D 115 6.09 -23.18 -15.71
CA ASN D 115 6.66 -22.35 -14.65
C ASN D 115 7.48 -21.22 -15.28
N LEU D 116 6.83 -20.10 -15.52
CA LEU D 116 7.51 -18.96 -16.13
C LEU D 116 7.08 -17.65 -15.45
N GLY D 117 8.06 -16.87 -14.99
CA GLY D 117 7.75 -15.62 -14.33
C GLY D 117 8.81 -14.54 -14.51
N ILE D 118 8.45 -13.29 -14.21
CA ILE D 118 9.37 -12.17 -14.35
C ILE D 118 9.98 -11.80 -12.99
N GLN D 119 11.01 -10.96 -13.03
CA GLN D 119 11.72 -10.49 -11.85
C GLN D 119 11.99 -9.02 -12.01
N CYS D 120 11.28 -8.20 -11.23
CA CYS D 120 11.41 -6.76 -11.30
C CYS D 120 12.48 -6.20 -10.37
N VAL D 121 13.52 -5.62 -10.96
CA VAL D 121 14.60 -5.03 -10.18
C VAL D 121 14.26 -3.61 -9.70
N ARG D 122 14.67 -3.29 -8.48
CA ARG D 122 14.43 -1.96 -7.92
C ARG D 122 14.85 -0.91 -8.93
N LYS D 123 14.34 0.30 -8.78
CA LYS D 123 14.65 1.38 -9.71
C LYS D 123 16.10 1.85 -9.67
N LYS D 124 16.62 2.02 -8.46
CA LYS D 124 18.00 2.47 -8.29
C LYS D 124 19.00 1.45 -8.82
N GLU D 125 18.55 0.63 -9.77
CA GLU D 125 19.39 -0.39 -10.39
C GLU D 125 19.15 -0.31 -11.89
N ILE D 126 17.87 -0.41 -12.25
CA ILE D 126 17.41 -0.33 -13.63
C ILE D 126 18.49 -0.12 -14.67
N GLU D 127 19.05 1.08 -14.72
CA GLU D 127 20.10 1.42 -15.67
C GLU D 127 21.27 0.43 -15.65
N ALA D 128 21.99 0.38 -14.53
CA ALA D 128 23.12 -0.54 -14.39
C ALA D 128 22.72 -1.96 -14.78
N ALA D 129 21.50 -2.35 -14.40
CA ALA D 129 20.99 -3.68 -14.71
C ALA D 129 20.94 -3.88 -16.21
N ILE D 130 20.88 -2.77 -16.95
CA ILE D 130 20.84 -2.82 -18.41
C ILE D 130 22.27 -2.90 -18.94
N GLU D 131 23.18 -2.28 -18.19
CA GLU D 131 24.59 -2.27 -18.56
C GLU D 131 25.13 -3.69 -18.42
N ARG D 132 24.83 -4.34 -17.29
CA ARG D 132 25.27 -5.69 -17.04
C ARG D 132 24.91 -6.58 -18.23
N LYS D 133 23.62 -6.68 -18.52
CA LYS D 133 23.15 -7.47 -19.64
C LYS D 133 23.87 -7.07 -20.91
N ILE D 134 23.99 -5.77 -21.14
CA ILE D 134 24.67 -5.26 -22.33
C ILE D 134 26.01 -5.98 -22.44
N GLN D 135 26.87 -5.76 -21.45
CA GLN D 135 28.20 -6.36 -21.41
C GLN D 135 28.13 -7.83 -21.82
N LEU D 136 27.28 -8.58 -21.14
CA LEU D 136 27.11 -10.00 -21.45
C LEU D 136 26.42 -10.17 -22.79
N GLY D 137 26.60 -9.18 -23.66
CA GLY D 137 26.02 -9.21 -24.98
C GLY D 137 24.58 -9.66 -25.02
N ILE D 138 23.70 -8.84 -24.45
CA ILE D 138 22.28 -9.15 -24.42
C ILE D 138 21.51 -7.95 -24.94
N ASP D 139 21.02 -8.05 -26.17
CA ASP D 139 20.25 -6.99 -26.80
C ASP D 139 19.80 -7.45 -28.18
N PRO D 140 18.64 -8.11 -28.25
CA PRO D 140 18.06 -8.63 -29.50
C PRO D 140 17.94 -7.63 -30.66
N TYR D 141 18.49 -6.42 -30.49
CA TYR D 141 18.45 -5.40 -31.53
C TYR D 141 19.61 -4.44 -31.42
N ASN D 142 20.46 -4.65 -30.41
CA ASN D 142 21.62 -3.81 -30.16
C ASN D 142 21.31 -2.33 -30.34
N ALA D 143 20.62 -1.75 -29.36
CA ALA D 143 20.25 -0.33 -29.41
C ALA D 143 20.29 0.29 -28.01
N GLY D 144 21.33 -0.01 -27.24
CA GLY D 144 21.43 0.53 -25.89
C GLY D 144 21.76 2.00 -25.82
N SER D 145 20.78 2.81 -25.40
CA SER D 145 20.96 4.25 -25.26
C SER D 145 20.70 4.68 -23.82
N LEU D 146 21.76 4.68 -23.02
CA LEU D 146 21.63 5.03 -21.61
C LEU D 146 22.19 6.41 -21.26
N LYS D 147 21.64 6.98 -20.19
CA LYS D 147 22.05 8.29 -19.70
C LYS D 147 21.72 9.42 -20.67
N ASN D 148 20.48 9.93 -20.56
CA ASN D 148 19.97 11.02 -21.39
C ASN D 148 18.45 11.01 -21.27
N HIS D 149 17.82 10.12 -22.04
CA HIS D 149 16.37 9.97 -22.03
C HIS D 149 16.06 8.56 -21.54
N GLN D 150 15.44 8.45 -20.37
CA GLN D 150 15.12 7.15 -19.81
C GLN D 150 13.63 6.85 -19.75
N GLU D 151 13.06 6.91 -18.55
CA GLU D 151 11.65 6.63 -18.33
C GLU D 151 11.33 5.26 -18.89
N VAL D 152 11.58 4.24 -18.09
CA VAL D 152 11.34 2.87 -18.49
C VAL D 152 10.09 2.32 -17.81
N ASP D 153 9.18 1.77 -18.60
CA ASP D 153 7.93 1.23 -18.07
C ASP D 153 8.16 0.01 -17.19
N MET D 154 8.45 0.27 -15.92
CA MET D 154 8.70 -0.79 -14.94
C MET D 154 7.46 -1.63 -14.65
N ASN D 155 6.39 -1.40 -15.41
CA ASN D 155 5.15 -2.13 -15.20
C ASN D 155 4.79 -3.00 -16.39
N VAL D 156 5.41 -2.72 -17.54
CA VAL D 156 5.14 -3.50 -18.74
C VAL D 156 6.40 -3.83 -19.50
N VAL D 157 6.36 -4.95 -20.22
CA VAL D 157 7.49 -5.43 -20.98
C VAL D 157 7.03 -6.29 -22.16
N ARG D 158 7.92 -6.44 -23.13
CA ARG D 158 7.67 -7.25 -24.31
C ARG D 158 8.70 -8.36 -24.32
N ILE D 159 8.25 -9.60 -24.51
CA ILE D 159 9.18 -10.70 -24.54
C ILE D 159 9.52 -11.05 -26.00
N CYS D 160 10.72 -10.65 -26.42
CA CYS D 160 11.21 -10.89 -27.79
C CYS D 160 11.55 -12.34 -28.02
N PHE D 161 11.40 -12.80 -29.26
CA PHE D 161 11.72 -14.18 -29.61
C PHE D 161 12.74 -14.25 -30.73
N GLN D 162 13.89 -14.84 -30.43
CA GLN D 162 14.96 -15.02 -31.40
C GLN D 162 15.15 -16.53 -31.56
N ALA D 163 14.71 -17.09 -32.69
CA ALA D 163 14.85 -18.53 -32.92
C ALA D 163 15.97 -18.87 -33.91
N SER D 164 17.03 -19.49 -33.39
CA SER D 164 18.20 -19.86 -34.19
C SER D 164 18.08 -21.28 -34.76
N TYR D 165 18.25 -21.41 -36.08
CA TYR D 165 18.17 -22.70 -36.75
C TYR D 165 19.55 -23.35 -36.83
N ARG D 166 19.58 -24.59 -37.33
CA ARG D 166 20.83 -25.33 -37.46
C ARG D 166 20.73 -26.47 -38.49
N ASP D 167 21.57 -26.39 -39.52
CA ASP D 167 21.58 -27.43 -40.56
C ASP D 167 22.90 -28.20 -40.53
N GLN D 168 22.92 -29.33 -41.24
CA GLN D 168 24.10 -30.16 -41.29
C GLN D 168 25.35 -29.34 -41.64
N GLN D 169 25.23 -28.54 -42.69
CA GLN D 169 26.33 -27.68 -43.14
C GLN D 169 26.68 -26.60 -42.11
N GLY D 170 27.62 -25.74 -42.48
CA GLY D 170 28.03 -24.66 -41.60
C GLY D 170 27.31 -23.39 -42.04
N HIS D 171 25.98 -23.49 -42.16
CA HIS D 171 25.16 -22.39 -42.60
C HIS D 171 24.06 -22.10 -41.57
N LEU D 172 24.45 -22.02 -40.29
CA LEU D 172 23.51 -21.77 -39.21
C LEU D 172 22.97 -20.34 -39.20
N HIS D 173 21.92 -20.10 -39.99
CA HIS D 173 21.30 -18.79 -40.10
C HIS D 173 20.40 -18.47 -38.91
N ARG D 174 19.89 -17.24 -38.87
CA ARG D 174 19.01 -16.80 -37.80
C ARG D 174 17.75 -16.14 -38.38
N MET D 175 16.60 -16.55 -37.87
CA MET D 175 15.34 -16.00 -38.35
C MET D 175 15.19 -14.55 -37.88
N ASP D 176 13.95 -14.06 -37.84
CA ASP D 176 13.69 -12.70 -37.40
C ASP D 176 13.00 -12.71 -36.03
N PRO D 177 13.31 -11.72 -35.19
CA PRO D 177 12.73 -11.59 -33.84
C PRO D 177 11.20 -11.45 -33.83
N ILE D 178 10.59 -11.90 -32.75
CA ILE D 178 9.13 -11.80 -32.58
C ILE D 178 8.83 -11.11 -31.25
N LEU D 179 7.90 -10.15 -31.26
CA LEU D 179 7.53 -9.43 -30.06
C LEU D 179 6.19 -9.87 -29.53
N SER D 180 6.01 -9.77 -28.22
CA SER D 180 4.78 -10.19 -27.58
C SER D 180 3.82 -9.04 -27.27
N GLU D 181 2.56 -9.41 -27.06
CA GLU D 181 1.53 -8.47 -26.74
C GLU D 181 1.82 -8.07 -25.29
N PRO D 182 2.46 -6.89 -25.10
CA PRO D 182 2.86 -6.30 -23.82
C PRO D 182 2.30 -6.94 -22.56
N VAL D 183 3.17 -7.14 -21.58
CA VAL D 183 2.76 -7.72 -20.32
C VAL D 183 2.73 -6.65 -19.25
N TYR D 184 1.64 -6.59 -18.51
CA TYR D 184 1.48 -5.60 -17.48
C TYR D 184 1.43 -6.23 -16.10
N ASP D 185 2.22 -5.68 -15.18
CA ASP D 185 2.27 -6.19 -13.82
C ASP D 185 0.95 -5.94 -13.08
N LYS D 186 0.55 -6.90 -12.26
CA LYS D 186 -0.68 -6.77 -11.49
C LYS D 186 -0.47 -5.90 -10.26
N LYS D 187 0.75 -5.89 -9.72
CA LYS D 187 1.02 -5.11 -8.52
C LYS D 187 0.98 -3.60 -8.70
N SER D 188 0.93 -3.13 -9.94
CA SER D 188 0.88 -1.68 -10.19
C SER D 188 -0.54 -1.16 -10.32
N THR D 189 -0.91 -0.26 -9.42
CA THR D 189 -2.25 0.33 -9.40
C THR D 189 -2.64 0.97 -10.73
N ASN D 190 -1.69 1.60 -11.38
CA ASN D 190 -1.93 2.26 -12.65
C ASN D 190 -2.24 1.31 -13.81
N THR D 191 -1.65 0.12 -13.78
CA THR D 191 -1.85 -0.83 -14.87
C THR D 191 -2.48 -2.16 -14.48
N SER D 192 -2.88 -2.30 -13.23
CA SER D 192 -3.50 -3.55 -12.79
C SER D 192 -4.79 -3.77 -13.58
N GLU D 193 -5.56 -4.77 -13.16
CA GLU D 193 -6.82 -5.06 -13.83
C GLU D 193 -7.92 -4.50 -12.94
N LEU D 194 -8.89 -3.81 -13.55
CA LEU D 194 -9.99 -3.21 -12.81
C LEU D 194 -11.05 -4.23 -12.38
N ARG D 195 -11.69 -3.99 -11.24
CA ARG D 195 -12.69 -4.92 -10.74
C ARG D 195 -13.54 -4.42 -9.57
N ILE D 196 -14.85 -4.29 -9.78
CA ILE D 196 -15.77 -3.87 -8.73
C ILE D 196 -15.97 -5.12 -7.86
N CYS D 197 -16.33 -4.95 -6.60
CA CYS D 197 -16.50 -6.10 -5.73
C CYS D 197 -17.85 -6.13 -5.04
N ARG D 198 -18.61 -5.05 -5.18
CA ARG D 198 -19.95 -4.94 -4.60
C ARG D 198 -20.51 -3.53 -4.79
N ILE D 199 -21.82 -3.40 -4.67
CA ILE D 199 -22.49 -2.11 -4.79
C ILE D 199 -23.74 -2.05 -3.92
N ASN D 200 -24.13 -0.83 -3.54
CA ASN D 200 -25.30 -0.61 -2.69
C ASN D 200 -26.56 -1.34 -3.14
N LYS D 201 -27.40 -0.66 -3.90
CA LYS D 201 -28.64 -1.25 -4.39
C LYS D 201 -28.49 -1.60 -5.86
N GLU D 202 -29.39 -2.45 -6.36
CA GLU D 202 -29.36 -2.85 -7.75
C GLU D 202 -30.38 -2.07 -8.57
N SER D 203 -31.32 -1.42 -7.89
CA SER D 203 -32.34 -0.63 -8.58
C SER D 203 -32.36 0.83 -8.13
N GLY D 204 -32.38 1.73 -9.11
CA GLY D 204 -32.41 3.15 -8.82
C GLY D 204 -33.27 3.89 -9.85
N PRO D 205 -34.18 4.77 -9.40
CA PRO D 205 -35.03 5.53 -10.32
C PRO D 205 -34.22 6.23 -11.40
N CYS D 206 -34.77 6.30 -12.61
CA CYS D 206 -34.10 6.95 -13.73
C CYS D 206 -33.95 8.44 -13.42
N THR D 207 -34.57 8.87 -12.34
CA THR D 207 -34.52 10.27 -11.90
C THR D 207 -33.06 10.63 -11.58
N GLY D 208 -32.25 9.59 -11.34
CA GLY D 208 -30.85 9.80 -11.03
C GLY D 208 -30.61 10.52 -9.71
N GLY D 209 -29.50 11.22 -9.62
CA GLY D 209 -29.15 11.96 -8.42
C GLY D 209 -28.96 11.07 -7.19
N GLU D 210 -29.32 9.80 -7.34
CA GLU D 210 -29.21 8.84 -6.26
C GLU D 210 -27.75 8.53 -5.95
N GLU D 211 -27.39 8.56 -4.67
CA GLU D 211 -26.02 8.29 -4.26
C GLU D 211 -25.84 6.79 -3.95
N LEU D 212 -24.82 6.18 -4.54
CA LEU D 212 -24.54 4.76 -4.33
C LEU D 212 -23.09 4.55 -3.92
N TYR D 213 -22.85 3.56 -3.08
CA TYR D 213 -21.48 3.25 -2.66
C TYR D 213 -20.93 2.14 -3.55
N LEU D 214 -19.69 1.74 -3.30
CA LEU D 214 -19.06 0.70 -4.12
C LEU D 214 -17.66 0.39 -3.62
N LEU D 215 -17.28 -0.88 -3.71
CA LEU D 215 -15.95 -1.33 -3.31
C LEU D 215 -15.22 -1.80 -4.57
N CYS D 216 -13.90 -1.71 -4.58
CA CYS D 216 -13.13 -2.14 -5.74
C CYS D 216 -11.72 -2.54 -5.37
N ASP D 217 -10.83 -2.60 -6.36
CA ASP D 217 -9.44 -2.92 -6.10
C ASP D 217 -8.68 -1.61 -6.26
N LYS D 218 -7.55 -1.48 -5.58
CA LYS D 218 -6.76 -0.24 -5.65
C LYS D 218 -6.78 0.44 -7.02
N VAL D 219 -7.38 1.62 -7.06
CA VAL D 219 -7.52 2.45 -8.26
C VAL D 219 -7.00 3.86 -7.95
N GLN D 220 -6.59 4.60 -8.99
CA GLN D 220 -6.07 5.95 -8.79
C GLN D 220 -7.13 7.05 -8.87
N LYS D 221 -7.57 7.53 -7.72
CA LYS D 221 -8.59 8.58 -7.63
C LYS D 221 -8.48 9.60 -8.76
N GLU D 222 -7.32 10.23 -8.85
CA GLU D 222 -7.08 11.25 -9.87
C GLU D 222 -7.06 10.70 -11.29
N ASP D 223 -7.75 9.58 -11.51
CA ASP D 223 -7.79 8.97 -12.84
C ASP D 223 -8.68 7.74 -12.87
N ILE D 224 -9.99 7.96 -12.88
CA ILE D 224 -10.93 6.86 -12.92
C ILE D 224 -12.34 7.42 -12.93
N SER D 225 -13.25 6.75 -13.62
CA SER D 225 -14.63 7.20 -13.71
C SER D 225 -15.58 6.03 -13.93
N VAL D 226 -16.59 5.92 -13.06
CA VAL D 226 -17.59 4.85 -13.15
C VAL D 226 -18.62 5.21 -14.22
N VAL D 227 -19.00 4.23 -15.04
CA VAL D 227 -19.96 4.49 -16.12
C VAL D 227 -21.19 3.59 -16.07
N PHE D 228 -22.22 3.98 -16.82
CA PHE D 228 -23.48 3.24 -16.92
C PHE D 228 -23.78 2.97 -18.39
N SER D 229 -22.72 2.77 -19.17
CA SER D 229 -22.82 2.52 -20.60
C SER D 229 -23.74 1.35 -20.94
N THR D 230 -24.15 1.30 -22.20
CA THR D 230 -25.02 0.24 -22.72
C THR D 230 -25.30 0.46 -24.21
N ALA D 231 -26.08 -0.45 -24.78
CA ALA D 231 -26.45 -0.35 -26.19
C ALA D 231 -27.41 0.82 -26.35
N SER D 232 -27.07 1.75 -27.23
CA SER D 232 -27.90 2.93 -27.50
C SER D 232 -27.56 4.10 -26.59
N TRP D 233 -27.06 3.81 -25.38
CA TRP D 233 -26.70 4.88 -24.44
C TRP D 233 -25.43 4.60 -23.66
N GLU D 234 -24.82 5.67 -23.16
CA GLU D 234 -23.58 5.57 -22.40
C GLU D 234 -23.41 6.80 -21.50
N GLY D 235 -24.03 6.76 -20.32
CA GLY D 235 -23.94 7.87 -19.40
C GLY D 235 -23.15 7.56 -18.14
N ARG D 236 -22.10 8.34 -17.89
CA ARG D 236 -21.27 8.10 -16.72
C ARG D 236 -21.54 9.04 -15.56
N ALA D 237 -21.61 8.45 -14.36
CA ALA D 237 -21.88 9.18 -13.12
C ALA D 237 -20.99 10.39 -12.95
N ASP D 238 -21.05 11.00 -11.77
CA ASP D 238 -20.26 12.17 -11.46
C ASP D 238 -19.92 12.20 -9.99
N PHE D 239 -18.69 12.58 -9.69
CA PHE D 239 -18.19 12.65 -8.33
C PHE D 239 -16.78 13.23 -8.44
N SER D 240 -16.12 13.41 -7.31
CA SER D 240 -14.78 13.96 -7.32
C SER D 240 -13.82 13.07 -6.57
N GLN D 241 -12.53 13.24 -6.86
CA GLN D 241 -11.46 12.48 -6.24
C GLN D 241 -11.69 12.38 -4.73
N ALA D 242 -12.43 13.34 -4.19
CA ALA D 242 -12.72 13.37 -2.76
C ALA D 242 -13.53 12.15 -2.31
N ASP D 243 -14.30 11.58 -3.24
CA ASP D 243 -15.14 10.43 -2.93
C ASP D 243 -14.47 9.10 -3.22
N VAL D 244 -13.16 9.14 -3.48
CA VAL D 244 -12.37 7.95 -3.75
C VAL D 244 -11.68 7.50 -2.47
N HIS D 245 -12.46 6.91 -1.57
CA HIS D 245 -11.95 6.45 -0.29
C HIS D 245 -10.79 5.47 -0.42
N ARG D 246 -9.62 5.90 0.03
CA ARG D 246 -8.40 5.10 0.03
C ARG D 246 -8.23 4.03 -1.05
N GLN D 247 -8.36 4.45 -2.31
CA GLN D 247 -8.19 3.55 -3.46
C GLN D 247 -9.01 2.26 -3.51
N ILE D 248 -9.99 2.10 -2.63
CA ILE D 248 -10.78 0.88 -2.63
C ILE D 248 -12.26 1.09 -2.37
N ALA D 249 -12.79 2.23 -2.79
CA ALA D 249 -14.21 2.55 -2.59
C ALA D 249 -14.58 3.87 -3.26
N ILE D 250 -15.79 3.93 -3.81
CA ILE D 250 -16.26 5.15 -4.47
C ILE D 250 -17.67 5.54 -4.06
N VAL D 251 -17.87 6.84 -3.88
CA VAL D 251 -19.16 7.41 -3.51
C VAL D 251 -19.60 8.33 -4.64
N PHE D 252 -20.37 7.79 -5.57
CA PHE D 252 -20.83 8.52 -6.74
C PHE D 252 -22.32 8.83 -6.69
N LYS D 253 -22.78 9.55 -7.71
CA LYS D 253 -24.17 9.94 -7.83
C LYS D 253 -24.69 9.47 -9.19
N THR D 254 -25.62 8.52 -9.17
CA THR D 254 -26.21 7.96 -10.38
C THR D 254 -26.80 9.03 -11.30
N PRO D 255 -26.22 9.21 -12.49
CA PRO D 255 -26.71 10.21 -13.45
C PRO D 255 -28.04 9.78 -14.03
N PRO D 256 -28.91 10.76 -14.37
CA PRO D 256 -30.22 10.43 -14.94
C PRO D 256 -30.09 9.73 -16.30
N TYR D 257 -31.10 8.95 -16.65
CA TYR D 257 -31.11 8.21 -17.91
C TYR D 257 -31.07 9.20 -19.08
N GLU D 258 -31.11 8.68 -20.30
CA GLU D 258 -31.08 9.53 -21.47
C GLU D 258 -32.48 10.05 -21.74
N ASP D 259 -33.04 10.75 -20.76
CA ASP D 259 -34.39 11.32 -20.86
C ASP D 259 -35.37 10.22 -21.25
N LEU D 260 -35.82 9.45 -20.27
CA LEU D 260 -36.76 8.37 -20.55
C LEU D 260 -37.49 7.90 -19.29
N GLU D 261 -38.74 7.48 -19.49
CA GLU D 261 -39.59 7.00 -18.40
C GLU D 261 -40.51 5.89 -18.92
N ILE D 262 -40.61 5.79 -20.24
CA ILE D 262 -41.45 4.80 -20.92
C ILE D 262 -41.68 3.51 -20.13
N SER D 263 -42.90 3.38 -19.63
CA SER D 263 -43.35 2.21 -18.86
C SER D 263 -42.32 1.57 -17.93
N GLU D 264 -42.50 0.27 -17.67
CA GLU D 264 -41.61 -0.49 -16.79
C GLU D 264 -40.12 -0.22 -17.03
N PRO D 265 -39.28 -0.48 -16.01
CA PRO D 265 -37.83 -0.33 -15.94
C PRO D 265 -36.97 -1.09 -16.96
N VAL D 266 -35.77 -0.56 -17.21
CA VAL D 266 -34.81 -1.16 -18.14
C VAL D 266 -33.45 -1.30 -17.46
N THR D 267 -32.87 -2.50 -17.53
CA THR D 267 -31.58 -2.78 -16.90
C THR D 267 -30.39 -2.22 -17.69
N VAL D 268 -29.32 -1.91 -16.98
CA VAL D 268 -28.10 -1.37 -17.57
C VAL D 268 -26.87 -1.90 -16.83
N ASN D 269 -25.74 -1.93 -17.51
CA ASN D 269 -24.51 -2.42 -16.92
C ASN D 269 -23.61 -1.25 -16.50
N VAL D 270 -22.94 -1.43 -15.36
CA VAL D 270 -22.04 -0.43 -14.81
C VAL D 270 -20.64 -1.03 -14.60
N PHE D 271 -19.62 -0.25 -14.94
CA PHE D 271 -18.24 -0.71 -14.81
C PHE D 271 -17.28 0.49 -14.72
N LEU D 272 -16.00 0.20 -14.49
CA LEU D 272 -14.99 1.25 -14.37
C LEU D 272 -14.16 1.45 -15.63
N GLN D 273 -13.89 2.72 -15.95
CA GLN D 273 -13.10 3.07 -17.11
C GLN D 273 -11.99 4.04 -16.71
N ARG D 274 -10.75 3.57 -16.86
CA ARG D 274 -9.59 4.37 -16.50
C ARG D 274 -9.43 5.58 -17.40
N LEU D 275 -9.53 6.76 -16.81
CA LEU D 275 -9.40 8.03 -17.51
C LEU D 275 -8.01 8.26 -18.11
N THR D 276 -7.27 7.17 -18.37
CA THR D 276 -5.93 7.31 -18.92
C THR D 276 -5.64 6.41 -20.13
N ASP D 277 -6.02 5.14 -20.04
CA ASP D 277 -5.78 4.21 -21.14
C ASP D 277 -7.07 3.61 -21.68
N GLY D 278 -8.11 3.59 -20.85
CA GLY D 278 -9.38 3.05 -21.30
C GLY D 278 -9.82 1.73 -20.68
N VAL D 279 -8.86 0.85 -20.36
CA VAL D 279 -9.19 -0.45 -19.79
C VAL D 279 -10.43 -0.44 -18.89
N CYS D 280 -11.45 -1.18 -19.30
CA CYS D 280 -12.70 -1.26 -18.55
C CYS D 280 -12.64 -2.48 -17.65
N SER D 281 -13.71 -2.73 -16.93
CA SER D 281 -13.76 -3.88 -16.02
C SER D 281 -15.07 -4.66 -16.16
N GLU D 282 -15.14 -5.78 -15.46
CA GLU D 282 -16.32 -6.63 -15.46
C GLU D 282 -17.50 -5.77 -15.02
N PRO D 283 -18.47 -5.56 -15.90
CA PRO D 283 -19.65 -4.75 -15.58
C PRO D 283 -20.59 -5.42 -14.59
N LEU D 284 -21.26 -4.61 -13.77
CA LEU D 284 -22.22 -5.10 -12.79
C LEU D 284 -23.65 -4.73 -13.18
N PRO D 285 -24.63 -5.51 -12.71
CA PRO D 285 -26.05 -5.31 -12.99
C PRO D 285 -26.68 -4.17 -12.20
N PHE D 286 -27.32 -3.25 -12.92
CA PHE D 286 -28.01 -2.12 -12.30
C PHE D 286 -29.33 -1.92 -13.03
N THR D 287 -30.29 -1.26 -12.38
CA THR D 287 -31.58 -1.04 -13.01
C THR D 287 -32.20 0.32 -12.72
N TYR D 288 -32.76 0.93 -13.76
CA TYR D 288 -33.40 2.24 -13.67
C TYR D 288 -34.92 2.09 -13.56
N LEU D 289 -35.56 3.00 -12.83
CA LEU D 289 -37.00 2.97 -12.64
C LEU D 289 -37.64 4.16 -13.35
N PRO D 290 -38.83 3.96 -13.95
CA PRO D 290 -39.56 5.01 -14.67
C PRO D 290 -40.13 6.04 -13.69
N ARG D 291 -39.29 6.98 -13.31
CA ARG D 291 -39.69 8.02 -12.36
C ARG D 291 -40.38 7.38 -11.17
N ASP D 292 -41.22 8.15 -10.48
CA ASP D 292 -41.93 7.67 -9.31
C ASP D 292 -42.87 6.49 -9.62
N HIS D 293 -43.61 6.07 -8.59
CA HIS D 293 -44.54 4.95 -8.70
C HIS D 293 -45.79 5.22 -7.89
N ASP D 294 -46.25 6.47 -7.87
CA ASP D 294 -47.44 6.83 -7.11
C ASP D 294 -48.55 5.79 -7.32
N SER D 295 -49.00 5.19 -6.23
CA SER D 295 -50.05 4.17 -6.28
C SER D 295 -50.30 3.59 -4.88
N TYR D 296 -51.09 2.51 -4.84
CA TYR D 296 -51.40 1.85 -3.57
C TYR D 296 -50.19 1.08 -3.05
N GLY E 1 9.63 20.71 46.66
CA GLY E 1 11.06 20.49 46.32
C GLY E 1 11.25 19.95 44.92
N PRO E 2 12.06 18.88 44.76
CA PRO E 2 12.32 18.26 43.44
C PRO E 2 11.05 17.67 42.84
N TYR E 3 10.04 18.53 42.62
CA TYR E 3 8.77 18.10 42.08
C TYR E 3 8.57 18.57 40.63
N LEU E 4 8.13 17.66 39.77
CA LEU E 4 7.90 17.95 38.36
C LEU E 4 6.53 17.44 37.95
N VAL E 5 5.88 18.14 37.02
CA VAL E 5 4.56 17.73 36.55
C VAL E 5 4.25 18.06 35.09
N ILE E 6 3.94 17.01 34.32
CA ILE E 6 3.60 17.18 32.92
C ILE E 6 2.20 17.79 32.84
N VAL E 7 2.13 19.09 32.55
CA VAL E 7 0.84 19.77 32.44
C VAL E 7 0.00 19.20 31.29
N GLU E 8 0.43 19.46 30.06
CA GLU E 8 -0.28 18.94 28.90
C GLU E 8 0.40 17.66 28.49
N GLN E 9 -0.41 16.67 28.14
CA GLN E 9 0.13 15.38 27.75
C GLN E 9 0.21 15.23 26.24
N PRO E 10 1.20 14.47 25.74
CA PRO E 10 1.36 14.26 24.29
C PRO E 10 0.24 13.38 23.73
N LYS E 11 -0.23 13.73 22.54
CA LYS E 11 -1.27 12.98 21.88
C LYS E 11 -0.81 11.52 21.90
N GLN E 12 -1.66 10.63 22.37
CA GLN E 12 -1.30 9.22 22.44
C GLN E 12 -1.25 8.55 21.07
N ARG E 13 -2.22 8.85 20.22
CA ARG E 13 -2.25 8.25 18.91
C ARG E 13 -2.61 9.26 17.84
N GLY E 14 -1.82 9.30 16.78
CA GLY E 14 -2.08 10.25 15.71
C GLY E 14 -0.81 10.83 15.12
N PHE E 15 0.26 10.87 15.91
CA PHE E 15 1.50 11.43 15.41
C PHE E 15 2.24 10.37 14.60
N ARG E 16 2.50 10.65 13.32
CA ARG E 16 3.20 9.71 12.45
C ARG E 16 4.72 9.76 12.52
N PHE E 17 5.34 8.75 13.14
CA PHE E 17 6.80 8.70 13.20
C PHE E 17 7.28 8.91 11.77
N ARG E 18 8.44 9.51 11.62
CA ARG E 18 8.95 9.77 10.28
C ARG E 18 10.31 9.12 10.11
N TYR E 19 10.54 8.62 8.90
CA TYR E 19 11.79 7.98 8.55
C TYR E 19 12.80 9.05 8.21
N GLY E 20 14.08 8.72 8.29
CA GLY E 20 15.10 9.68 7.98
C GLY E 20 15.05 10.18 6.54
N CYS E 21 14.69 9.30 5.62
CA CYS E 21 14.60 9.67 4.21
C CYS E 21 13.39 10.55 3.98
N GLU E 22 12.70 10.91 5.05
CA GLU E 22 11.51 11.73 4.93
C GLU E 22 11.70 13.17 5.31
N GLY E 23 12.64 13.44 6.21
CA GLY E 23 12.88 14.81 6.60
C GLY E 23 12.76 15.04 8.09
N PRO E 24 13.37 16.13 8.60
CA PRO E 24 13.33 16.47 10.03
C PRO E 24 12.25 17.48 10.42
N SER E 25 11.49 17.96 9.45
CA SER E 25 10.45 18.95 9.74
C SER E 25 9.03 18.67 9.24
N HIS E 26 8.48 17.51 9.58
CA HIS E 26 7.12 17.20 9.15
C HIS E 26 6.14 17.61 10.25
N GLY E 27 6.68 18.25 11.29
CA GLY E 27 5.83 18.69 12.38
C GLY E 27 6.39 18.39 13.75
N GLY E 28 5.60 18.72 14.76
CA GLY E 28 6.00 18.48 16.13
C GLY E 28 4.90 17.78 16.90
N LEU E 29 5.31 16.79 17.68
CA LEU E 29 4.42 16.00 18.50
C LEU E 29 3.38 16.89 19.19
N PRO E 30 2.11 16.81 18.77
CA PRO E 30 1.02 17.60 19.36
C PRO E 30 0.66 17.20 20.78
N GLY E 31 -0.48 17.69 21.26
CA GLY E 31 -0.93 17.38 22.61
C GLY E 31 -2.32 16.80 22.63
N ALA E 32 -2.66 16.14 23.73
CA ALA E 32 -3.98 15.53 23.87
C ALA E 32 -5.10 16.53 23.60
N SER E 33 -5.15 17.59 24.41
CA SER E 33 -6.18 18.62 24.25
C SER E 33 -5.82 19.61 23.15
N SER E 34 -5.15 19.12 22.12
CA SER E 34 -4.74 19.96 21.00
C SER E 34 -5.57 19.68 19.76
N GLU E 35 -6.29 20.69 19.28
CA GLU E 35 -7.11 20.54 18.09
C GLU E 35 -7.02 21.79 17.24
N LYS E 36 -7.70 21.80 16.12
CA LYS E 36 -7.71 22.94 15.21
C LYS E 36 -8.14 24.17 16.01
N GLY E 37 -8.14 25.35 15.39
CA GLY E 37 -8.54 26.54 16.10
C GLY E 37 -7.52 27.00 17.12
N ARG E 38 -7.03 26.06 17.92
CA ARG E 38 -6.01 26.34 18.92
C ARG E 38 -5.18 25.08 19.17
N LYS E 39 -3.93 25.13 18.73
CA LYS E 39 -3.03 24.01 18.88
C LYS E 39 -2.56 23.92 20.33
N THR E 40 -1.91 22.82 20.67
CA THR E 40 -1.40 22.60 22.02
C THR E 40 -0.24 21.61 21.98
N TYR E 41 0.78 21.84 22.82
CA TYR E 41 1.94 20.96 22.83
C TYR E 41 2.31 20.38 24.19
N PRO E 42 3.05 19.27 24.18
CA PRO E 42 3.53 18.53 25.35
C PRO E 42 4.24 19.42 26.35
N THR E 43 3.47 20.11 27.20
CA THR E 43 4.07 20.99 28.19
C THR E 43 4.23 20.32 29.57
N VAL E 44 5.29 20.70 30.26
CA VAL E 44 5.58 20.18 31.59
C VAL E 44 5.74 21.40 32.50
N LYS E 45 5.88 21.18 33.81
CA LYS E 45 6.03 22.28 34.75
C LYS E 45 6.79 21.87 36.01
N ILE E 46 7.22 22.87 36.79
CA ILE E 46 7.94 22.60 38.04
C ILE E 46 7.40 23.41 39.22
N CYS E 47 6.88 22.71 40.22
CA CYS E 47 6.36 23.36 41.41
C CYS E 47 7.45 23.36 42.45
N ASN E 48 7.38 24.31 43.39
CA ASN E 48 8.39 24.40 44.45
C ASN E 48 9.76 24.35 43.79
N TYR E 49 9.99 25.26 42.86
CA TYR E 49 11.24 25.33 42.10
C TYR E 49 12.40 25.93 42.87
N GLU E 50 13.48 26.19 42.15
CA GLU E 50 14.67 26.80 42.74
C GLU E 50 15.29 27.82 41.77
N GLY E 51 14.48 28.27 40.81
CA GLY E 51 14.94 29.24 39.84
C GLY E 51 15.26 28.65 38.48
N PRO E 52 16.00 29.39 37.63
CA PRO E 52 16.37 28.92 36.29
C PRO E 52 16.82 27.47 36.27
N ALA E 53 16.41 26.73 35.24
CA ALA E 53 16.78 25.32 35.11
C ALA E 53 16.46 24.76 33.73
N LYS E 54 17.08 23.64 33.38
CA LYS E 54 16.86 23.01 32.09
C LYS E 54 15.98 21.75 32.21
N ILE E 55 15.73 21.10 31.08
CA ILE E 55 14.89 19.90 31.07
C ILE E 55 15.23 18.92 29.94
N GLU E 56 16.19 18.03 30.17
CA GLU E 56 16.53 17.05 29.14
C GLU E 56 15.36 16.11 28.93
N VAL E 57 15.02 15.84 27.67
CA VAL E 57 13.92 14.93 27.36
C VAL E 57 14.21 14.04 26.17
N ASP E 58 14.29 12.73 26.41
CA ASP E 58 14.56 11.77 25.35
C ASP E 58 13.43 10.76 25.23
N LEU E 59 13.54 9.87 24.25
CA LEU E 59 12.53 8.85 24.02
C LEU E 59 12.93 7.59 24.74
N VAL E 60 12.01 7.04 25.52
CA VAL E 60 12.28 5.82 26.25
C VAL E 60 11.48 4.66 25.68
N THR E 61 11.83 3.46 26.11
CA THR E 61 11.14 2.26 25.68
C THR E 61 9.80 2.12 26.39
N HIS E 62 8.75 1.91 25.60
CA HIS E 62 7.38 1.76 26.10
C HIS E 62 7.29 0.84 27.30
N SER E 63 8.17 -0.15 27.38
CA SER E 63 8.17 -1.08 28.50
C SER E 63 8.22 -0.23 29.77
N ASP E 64 7.22 -0.39 30.62
CA ASP E 64 7.13 0.37 31.86
C ASP E 64 8.49 0.72 32.47
N PRO E 65 9.41 -0.27 32.59
CA PRO E 65 10.70 0.08 33.17
C PRO E 65 11.35 1.12 32.26
N PRO E 66 11.41 2.38 32.71
CA PRO E 66 12.02 3.41 31.87
C PRO E 66 13.43 3.06 31.42
N ARG E 67 13.58 2.78 30.13
CA ARG E 67 14.86 2.44 29.54
C ARG E 67 14.97 3.22 28.25
N ALA E 68 16.18 3.28 27.69
CA ALA E 68 16.44 4.01 26.45
C ALA E 68 15.47 3.68 25.32
N HIS E 69 15.94 3.82 24.08
CA HIS E 69 15.14 3.51 22.91
C HIS E 69 15.99 3.74 21.67
N ALA E 70 15.66 3.06 20.58
CA ALA E 70 16.41 3.21 19.34
C ALA E 70 15.97 4.49 18.61
N HIS E 71 14.67 4.77 18.66
CA HIS E 71 14.16 5.94 18.00
C HIS E 71 14.66 7.19 18.69
N SER E 72 15.62 7.85 18.04
CA SER E 72 16.18 9.08 18.57
C SER E 72 15.28 10.25 18.21
N LEU E 73 14.87 10.98 19.25
CA LEU E 73 14.01 12.14 19.08
C LEU E 73 14.84 13.19 18.34
N VAL E 74 14.25 13.83 17.34
CA VAL E 74 14.99 14.82 16.57
C VAL E 74 14.25 16.14 16.44
N GLY E 75 15.01 17.24 16.42
CA GLY E 75 14.41 18.55 16.30
C GLY E 75 15.43 19.67 16.48
N LYS E 76 15.04 20.89 16.12
CA LYS E 76 15.93 22.04 16.22
C LYS E 76 16.81 21.99 17.45
N GLN E 77 16.19 22.02 18.62
CA GLN E 77 16.93 21.98 19.88
C GLN E 77 17.10 20.57 20.43
N CYS E 78 17.70 19.69 19.63
CA CYS E 78 17.92 18.31 20.04
C CYS E 78 19.38 17.89 19.87
N SER E 79 19.89 17.13 20.82
CA SER E 79 21.27 16.69 20.76
C SER E 79 21.50 15.74 19.58
N GLU E 80 21.33 16.27 18.38
CA GLU E 80 21.51 15.50 17.15
C GLU E 80 20.75 14.18 17.27
N LEU E 81 21.42 13.18 17.84
CA LEU E 81 20.83 11.86 18.02
C LEU E 81 20.57 11.56 19.50
N GLY E 82 19.45 12.04 20.02
CA GLY E 82 19.15 11.77 21.42
C GLY E 82 18.19 12.71 22.11
N ILE E 83 18.72 13.45 23.08
CA ILE E 83 17.95 14.38 23.90
C ILE E 83 17.81 15.82 23.42
N CYS E 84 16.62 16.39 23.65
CA CYS E 84 16.35 17.76 23.29
C CYS E 84 16.23 18.50 24.61
N ALA E 85 17.09 19.49 24.84
CA ALA E 85 17.09 20.24 26.09
C ALA E 85 16.76 21.73 25.94
N VAL E 86 15.89 22.22 26.82
CA VAL E 86 15.48 23.61 26.83
C VAL E 86 15.67 24.19 28.22
N SER E 87 15.40 25.49 28.37
CA SER E 87 15.54 26.17 29.66
C SER E 87 14.24 26.85 30.10
N VAL E 88 14.27 27.46 31.28
CA VAL E 88 13.10 28.16 31.81
C VAL E 88 13.45 29.45 32.54
N GLY E 89 12.60 30.46 32.38
CA GLY E 89 12.82 31.74 33.03
C GLY E 89 12.55 31.61 34.51
N PRO E 90 13.14 32.47 35.35
CA PRO E 90 12.95 32.44 36.81
C PRO E 90 11.50 32.29 37.27
N LYS E 91 10.58 32.95 36.59
CA LYS E 91 9.17 32.85 36.95
C LYS E 91 8.48 31.74 36.18
N ASP E 92 8.38 31.90 34.86
CA ASP E 92 7.77 30.88 34.03
C ASP E 92 8.54 29.58 34.24
N MET E 93 8.05 28.75 35.14
CA MET E 93 8.70 27.49 35.46
C MET E 93 8.07 26.32 34.73
N THR E 94 7.49 26.59 33.56
CA THR E 94 6.85 25.55 32.76
C THR E 94 7.42 25.54 31.35
N ALA E 95 7.84 24.36 30.90
CA ALA E 95 8.38 24.22 29.55
C ALA E 95 7.36 23.60 28.58
N GLN E 96 7.30 24.14 27.37
CA GLN E 96 6.40 23.66 26.34
C GLN E 96 7.22 23.34 25.09
N PHE E 97 7.06 22.14 24.54
CA PHE E 97 7.84 21.74 23.36
C PHE E 97 7.04 21.67 22.05
N ASN E 98 6.96 22.79 21.36
CA ASN E 98 6.25 22.83 20.09
C ASN E 98 6.93 21.87 19.13
N ASN E 99 7.89 22.37 18.37
CA ASN E 99 8.63 21.57 17.40
C ASN E 99 9.35 20.40 18.07
N LEU E 100 8.80 19.21 17.90
CA LEU E 100 9.36 18.00 18.50
C LEU E 100 8.93 16.78 17.66
N GLY E 101 9.88 16.17 16.96
CA GLY E 101 9.55 15.01 16.13
C GLY E 101 10.35 13.77 16.50
N VAL E 102 9.94 12.63 15.97
CA VAL E 102 10.64 11.38 16.25
C VAL E 102 11.21 10.69 14.99
N LEU E 103 12.47 10.29 15.06
CA LEU E 103 13.14 9.62 13.94
C LEU E 103 12.93 8.11 14.01
N HIS E 104 12.27 7.57 12.98
CA HIS E 104 11.99 6.15 12.93
C HIS E 104 13.16 5.40 12.29
N VAL E 105 13.80 4.55 13.07
CA VAL E 105 14.94 3.75 12.60
C VAL E 105 14.39 2.42 12.08
N THR E 106 14.83 2.00 10.90
CA THR E 106 14.37 0.76 10.29
C THR E 106 14.64 -0.46 11.16
N LYS E 107 13.86 -1.50 10.92
CA LYS E 107 13.99 -2.76 11.65
C LYS E 107 15.38 -3.33 11.40
N LYS E 108 15.83 -3.24 10.14
CA LYS E 108 17.13 -3.74 9.74
C LYS E 108 18.29 -2.89 10.27
N ASN E 109 17.96 -1.83 11.01
CA ASN E 109 18.99 -0.96 11.55
C ASN E 109 18.84 -0.68 13.04
N MET E 110 17.65 -0.95 13.58
CA MET E 110 17.43 -0.71 14.99
C MET E 110 18.44 -1.54 15.79
N MET E 111 19.27 -2.29 15.09
CA MET E 111 20.31 -3.11 15.69
C MET E 111 21.54 -2.23 15.91
N GLY E 112 22.37 -2.13 14.87
CA GLY E 112 23.58 -1.34 14.96
C GLY E 112 23.36 0.00 15.66
N THR E 113 22.12 0.46 15.66
CA THR E 113 21.79 1.72 16.29
C THR E 113 21.86 1.58 17.80
N MET E 114 20.82 1.01 18.40
CA MET E 114 20.74 0.83 19.85
C MET E 114 22.07 0.43 20.48
N ILE E 115 22.82 -0.43 19.80
CA ILE E 115 24.11 -0.87 20.33
C ILE E 115 25.04 0.33 20.41
N GLN E 116 25.13 1.08 19.31
CA GLN E 116 25.95 2.27 19.22
C GLN E 116 25.49 3.30 20.25
N LYS E 117 24.18 3.41 20.40
CA LYS E 117 23.59 4.34 21.35
C LYS E 117 24.01 3.94 22.77
N LEU E 118 24.28 2.65 22.94
CA LEU E 118 24.69 2.12 24.24
C LEU E 118 26.15 2.45 24.47
N GLN E 119 26.95 2.29 23.43
CA GLN E 119 28.37 2.58 23.52
C GLN E 119 28.57 3.96 24.10
N ARG E 120 27.75 4.92 23.67
CA ARG E 120 27.88 6.26 24.17
C ARG E 120 27.53 6.35 25.66
N GLN E 121 26.44 5.72 26.08
CA GLN E 121 26.07 5.76 27.49
C GLN E 121 27.21 5.16 28.32
N ARG E 122 28.17 4.55 27.62
CA ARG E 122 29.32 3.94 28.26
C ARG E 122 30.56 4.68 27.80
N LEU E 123 31.26 4.07 26.85
CA LEU E 123 32.48 4.61 26.26
C LEU E 123 32.50 6.12 26.13
N ARG E 124 31.42 6.71 25.64
CA ARG E 124 31.37 8.16 25.47
C ARG E 124 31.68 8.87 26.79
N SER E 125 30.86 8.62 27.81
CA SER E 125 31.08 9.23 29.12
C SER E 125 32.10 8.40 29.89
N ARG E 126 32.46 8.84 31.08
CA ARG E 126 33.44 8.12 31.90
C ARG E 126 34.75 7.94 31.12
N PRO E 127 35.69 7.13 31.64
CA PRO E 127 36.95 6.95 30.91
C PRO E 127 36.75 6.42 29.49
N GLN E 128 37.50 7.00 28.55
CA GLN E 128 37.42 6.60 27.15
C GLN E 128 37.97 5.20 26.90
N GLY E 129 38.16 4.87 25.62
CA GLY E 129 38.68 3.57 25.26
C GLY E 129 37.94 2.45 25.97
N LEU E 130 36.80 2.04 25.42
CA LEU E 130 36.02 0.95 26.00
C LEU E 130 36.73 -0.36 25.69
N THR E 131 36.78 -1.24 26.68
CA THR E 131 37.45 -2.53 26.52
C THR E 131 36.56 -3.61 25.91
N GLU E 132 37.17 -4.45 25.08
CA GLU E 132 36.44 -5.53 24.41
C GLU E 132 35.45 -6.19 25.35
N ALA E 133 35.73 -6.10 26.65
CA ALA E 133 34.85 -6.66 27.65
C ALA E 133 33.45 -6.07 27.51
N GLU E 134 33.31 -4.78 27.84
CA GLU E 134 32.04 -4.10 27.75
C GLU E 134 31.38 -4.36 26.40
N GLN E 135 32.18 -4.26 25.34
CA GLN E 135 31.72 -4.51 23.98
C GLN E 135 30.77 -5.69 23.93
N ARG E 136 31.17 -6.79 24.55
CA ARG E 136 30.36 -8.00 24.59
C ARG E 136 29.02 -7.74 25.28
N GLU E 137 29.06 -7.05 26.42
CA GLU E 137 27.86 -6.74 27.18
C GLU E 137 26.96 -5.83 26.35
N LEU E 138 27.58 -4.83 25.74
CA LEU E 138 26.85 -3.87 24.91
C LEU E 138 26.02 -4.65 23.90
N GLU E 139 26.69 -5.55 23.18
CA GLU E 139 26.02 -6.38 22.18
C GLU E 139 24.91 -7.19 22.82
N GLN E 140 25.09 -7.57 24.09
CA GLN E 140 24.07 -8.33 24.79
C GLN E 140 22.86 -7.46 25.11
N GLU E 141 23.03 -6.52 26.04
CA GLU E 141 21.94 -5.63 26.43
C GLU E 141 21.19 -5.11 25.20
N ALA E 142 21.90 -5.00 24.08
CA ALA E 142 21.27 -4.53 22.84
C ALA E 142 20.25 -5.55 22.37
N LYS E 143 20.74 -6.65 21.80
CA LYS E 143 19.89 -7.72 21.31
C LYS E 143 18.99 -8.25 22.41
N GLU E 144 19.48 -8.23 23.65
CA GLU E 144 18.71 -8.71 24.79
C GLU E 144 17.63 -7.68 25.14
N LEU E 145 17.17 -6.96 24.14
CA LEU E 145 16.13 -5.96 24.34
C LEU E 145 15.32 -5.78 23.06
N LYS E 146 15.93 -6.14 21.94
CA LYS E 146 15.29 -6.02 20.64
C LYS E 146 13.84 -6.53 20.66
N LYS E 147 13.63 -7.68 21.29
CA LYS E 147 12.30 -8.28 21.34
C LYS E 147 11.45 -7.86 22.55
N VAL E 148 11.74 -6.70 23.12
CA VAL E 148 10.98 -6.21 24.25
C VAL E 148 10.94 -4.68 24.23
N MET E 149 10.91 -4.14 23.03
CA MET E 149 10.86 -2.70 22.82
C MET E 149 10.00 -2.39 21.59
N ASP E 150 8.69 -2.27 21.79
CA ASP E 150 7.78 -2.00 20.69
C ASP E 150 8.24 -0.83 19.83
N LEU E 151 8.81 -1.17 18.67
CA LEU E 151 9.34 -0.20 17.73
C LEU E 151 8.28 0.78 17.20
N SER E 152 7.07 0.72 17.74
CA SER E 152 6.00 1.61 17.26
C SER E 152 5.26 2.37 18.34
N ILE E 153 5.77 2.34 19.56
CA ILE E 153 5.13 3.06 20.65
C ILE E 153 6.20 3.57 21.61
N VAL E 154 6.25 4.89 21.80
CA VAL E 154 7.24 5.48 22.68
C VAL E 154 6.67 6.39 23.76
N ARG E 155 7.50 6.66 24.76
CA ARG E 155 7.12 7.52 25.86
C ARG E 155 8.23 8.54 26.13
N LEU E 156 7.82 9.78 26.35
CA LEU E 156 8.75 10.87 26.62
C LEU E 156 9.16 10.80 28.08
N ARG E 157 10.43 11.11 28.36
CA ARG E 157 10.90 11.10 29.74
C ARG E 157 11.48 12.47 30.06
N PHE E 158 10.62 13.34 30.59
CA PHE E 158 11.02 14.69 30.95
C PHE E 158 11.87 14.70 32.21
N SER E 159 13.18 14.78 32.04
CA SER E 159 14.09 14.79 33.17
C SER E 159 14.69 16.17 33.44
N ALA E 160 14.22 16.81 34.50
CA ALA E 160 14.67 18.14 34.91
C ALA E 160 16.00 18.11 35.65
N PHE E 161 16.76 19.20 35.59
CA PHE E 161 18.06 19.29 36.23
C PHE E 161 18.42 20.70 36.71
N LEU E 162 18.90 20.80 37.96
CA LEU E 162 19.28 22.08 38.54
C LEU E 162 20.80 22.24 38.59
N ARG E 163 21.29 23.43 38.95
CA ARG E 163 22.72 23.69 39.02
C ARG E 163 23.25 23.45 40.44
N ASP E 164 24.19 22.53 40.58
CA ASP E 164 24.77 22.20 41.88
C ASP E 164 25.93 23.14 42.21
N SER E 165 25.61 24.37 42.58
CA SER E 165 26.61 25.37 42.91
C SER E 165 27.69 25.44 41.83
N ASP E 166 28.76 26.18 42.12
CA ASP E 166 29.87 26.36 41.19
C ASP E 166 29.37 26.70 39.78
N GLY E 167 28.12 27.16 39.69
CA GLY E 167 27.53 27.52 38.42
C GLY E 167 27.59 26.40 37.40
N SER E 168 26.87 25.32 37.65
CA SER E 168 26.86 24.18 36.73
C SER E 168 25.70 23.22 37.02
N PHE E 169 24.87 23.00 36.00
CA PHE E 169 23.73 22.10 36.13
C PHE E 169 24.24 20.66 36.24
N SER E 170 23.58 19.88 37.08
CA SER E 170 23.95 18.49 37.30
C SER E 170 23.07 17.84 38.36
N LEU E 171 22.31 18.66 39.08
CA LEU E 171 21.42 18.16 40.12
C LEU E 171 20.16 17.56 39.50
N PRO E 172 20.07 16.21 39.47
CA PRO E 172 18.90 15.53 38.90
C PRO E 172 17.58 15.97 39.53
N LEU E 173 16.51 15.31 39.12
CA LEU E 173 15.18 15.63 39.62
C LEU E 173 14.34 14.36 39.54
N LYS E 174 13.03 14.52 39.47
CA LYS E 174 12.14 13.37 39.38
C LYS E 174 11.63 13.23 37.95
N PRO E 175 12.37 12.47 37.12
CA PRO E 175 11.98 12.27 35.73
C PRO E 175 10.68 11.50 35.61
N VAL E 176 9.65 12.17 35.10
CA VAL E 176 8.37 11.52 34.93
C VAL E 176 8.23 11.19 33.45
N ILE E 177 7.41 10.19 33.13
CA ILE E 177 7.22 9.77 31.73
C ILE E 177 5.82 10.09 31.20
N SER E 178 5.75 10.40 29.92
CA SER E 178 4.48 10.71 29.27
C SER E 178 3.83 9.43 28.75
N GLN E 179 2.51 9.32 28.92
CA GLN E 179 1.80 8.15 28.45
C GLN E 179 2.10 7.90 26.98
N PRO E 180 2.42 6.65 26.63
CA PRO E 180 2.74 6.18 25.28
C PRO E 180 2.07 6.92 24.14
N ILE E 181 2.73 6.88 22.99
CA ILE E 181 2.24 7.51 21.77
C ILE E 181 2.43 6.52 20.62
N HIS E 182 1.31 6.17 20.01
CA HIS E 182 1.28 5.19 18.93
C HIS E 182 1.58 5.79 17.56
N ASP E 183 2.55 5.20 16.85
CA ASP E 183 2.91 5.68 15.52
C ASP E 183 1.69 5.66 14.61
N SER E 184 1.28 6.84 14.14
CA SER E 184 0.14 6.97 13.24
C SER E 184 0.21 6.06 12.01
N LYS E 185 1.21 5.20 11.94
CA LYS E 185 1.31 4.30 10.79
C LYS E 185 1.31 2.81 11.16
N SER E 186 2.07 2.45 12.18
CA SER E 186 2.15 1.06 12.60
C SER E 186 0.77 0.43 12.52
N PRO E 187 0.63 -0.63 11.70
CA PRO E 187 -0.62 -1.36 11.49
C PRO E 187 -1.51 -1.42 12.72
N GLY E 188 -0.92 -1.75 13.86
CA GLY E 188 -1.69 -1.84 15.09
C GLY E 188 -1.39 -0.70 16.05
N ALA E 189 -1.69 0.53 15.66
CA ALA E 189 -1.43 1.67 16.53
C ALA E 189 -2.19 2.95 16.17
N SER E 190 -2.51 3.15 14.90
CA SER E 190 -3.22 4.34 14.46
C SER E 190 -4.53 4.56 15.21
N ASN E 191 -5.32 5.54 14.77
CA ASN E 191 -6.58 5.83 15.43
C ASN E 191 -7.76 5.33 14.61
N LEU E 192 -8.50 4.39 15.19
CA LEU E 192 -9.67 3.84 14.52
C LEU E 192 -10.73 4.90 14.28
N LYS E 193 -10.53 5.72 13.26
CA LYS E 193 -11.50 6.75 12.94
C LYS E 193 -12.37 6.15 11.86
N ILE E 194 -13.41 6.89 11.44
CA ILE E 194 -14.35 6.44 10.42
C ILE E 194 -14.69 7.56 9.45
N SER E 195 -14.28 7.41 8.19
CA SER E 195 -14.52 8.41 7.16
C SER E 195 -16.00 8.78 7.02
N ARG E 196 -16.83 7.78 6.79
CA ARG E 196 -18.28 7.96 6.64
C ARG E 196 -18.94 6.62 6.35
N MET E 197 -20.27 6.59 6.42
CA MET E 197 -21.02 5.37 6.18
C MET E 197 -22.10 5.54 5.12
N ASP E 198 -22.55 4.41 4.59
CA ASP E 198 -23.57 4.36 3.55
C ASP E 198 -24.89 4.93 4.09
N LYS E 199 -25.92 4.09 4.17
CA LYS E 199 -27.22 4.54 4.66
C LYS E 199 -27.13 4.94 6.13
N THR E 200 -27.55 6.17 6.43
CA THR E 200 -27.51 6.70 7.79
C THR E 200 -28.65 6.16 8.66
N ALA E 201 -29.85 6.16 8.09
CA ALA E 201 -31.03 5.66 8.80
C ALA E 201 -31.00 4.13 8.82
N GLY E 202 -31.01 3.57 10.03
CA GLY E 202 -30.97 2.13 10.18
C GLY E 202 -32.26 1.42 9.81
N SER E 203 -32.90 0.83 10.81
CA SER E 203 -34.15 0.10 10.61
C SER E 203 -34.92 -0.02 11.91
N VAL E 204 -34.74 -1.15 12.60
CA VAL E 204 -35.42 -1.39 13.87
C VAL E 204 -34.91 -2.67 14.54
N ARG E 205 -35.21 -3.82 13.93
CA ARG E 205 -34.79 -5.10 14.48
C ARG E 205 -33.27 -5.22 14.40
N GLY E 206 -32.79 -6.36 13.89
CA GLY E 206 -31.36 -6.57 13.78
C GLY E 206 -30.91 -7.30 12.52
N GLY E 207 -30.81 -6.56 11.41
CA GLY E 207 -30.39 -7.16 10.17
C GLY E 207 -30.49 -6.22 8.98
N ASP E 208 -29.58 -5.26 8.90
CA ASP E 208 -29.59 -4.31 7.80
C ASP E 208 -28.17 -3.95 7.33
N GLU E 209 -27.95 -4.10 6.03
CA GLU E 209 -26.64 -3.83 5.44
C GLU E 209 -26.38 -2.34 5.25
N VAL E 210 -25.11 -1.98 5.46
CA VAL E 210 -24.66 -0.60 5.31
C VAL E 210 -23.17 -0.65 4.98
N TYR E 211 -22.77 0.12 3.96
CA TYR E 211 -21.37 0.16 3.56
C TYR E 211 -20.64 1.20 4.40
N LEU E 212 -19.70 0.74 5.22
CA LEU E 212 -18.93 1.63 6.06
C LEU E 212 -17.51 1.81 5.57
N LEU E 213 -17.07 3.06 5.53
CA LEU E 213 -15.73 3.41 5.09
C LEU E 213 -14.90 3.83 6.29
N CYS E 214 -13.69 3.29 6.41
CA CYS E 214 -12.84 3.64 7.54
C CYS E 214 -11.37 3.76 7.19
N ASP E 215 -10.55 3.69 8.24
CA ASP E 215 -9.11 3.77 8.11
C ASP E 215 -8.52 2.40 8.37
N LYS E 216 -7.32 2.19 7.85
CA LYS E 216 -6.61 0.93 7.98
C LYS E 216 -6.90 0.23 9.29
N VAL E 217 -7.29 -1.03 9.17
CA VAL E 217 -7.60 -1.88 10.32
C VAL E 217 -7.22 -3.29 9.92
N GLN E 218 -6.83 -4.11 10.90
CA GLN E 218 -6.45 -5.48 10.61
C GLN E 218 -7.66 -6.42 10.54
N LYS E 219 -7.49 -7.57 9.89
CA LYS E 219 -8.56 -8.56 9.71
C LYS E 219 -9.28 -9.01 10.98
N ASP E 220 -8.81 -8.55 12.12
CA ASP E 220 -9.41 -8.90 13.40
C ASP E 220 -9.22 -7.66 14.25
N ASP E 221 -9.14 -7.81 15.56
CA ASP E 221 -8.94 -6.65 16.42
C ASP E 221 -9.84 -5.53 15.94
N ILE E 222 -10.96 -5.91 15.35
CA ILE E 222 -11.90 -4.94 14.80
C ILE E 222 -13.35 -5.40 14.99
N GLU E 223 -14.24 -4.45 15.23
CA GLU E 223 -15.67 -4.75 15.43
C GLU E 223 -16.46 -3.47 15.68
N VAL E 224 -17.49 -3.26 14.87
CA VAL E 224 -18.33 -2.07 15.00
C VAL E 224 -19.21 -2.14 16.24
N ARG E 225 -19.52 -0.97 16.80
CA ARG E 225 -20.36 -0.88 18.00
C ARG E 225 -21.16 0.42 18.02
N PHE E 226 -22.38 0.34 18.57
CA PHE E 226 -23.26 1.48 18.69
C PHE E 226 -23.88 1.45 20.09
N TYR E 227 -24.35 2.60 20.58
CA TYR E 227 -24.95 2.65 21.91
C TYR E 227 -25.40 4.05 22.32
N GLU E 228 -25.61 4.23 23.62
CA GLU E 228 -26.03 5.48 24.24
C GLU E 228 -26.48 5.09 25.64
N ASP E 229 -25.51 4.81 26.51
CA ASP E 229 -25.80 4.35 27.87
C ASP E 229 -25.79 5.36 29.02
N ASP E 230 -26.96 5.95 29.30
CA ASP E 230 -27.09 6.87 30.43
C ASP E 230 -27.35 5.93 31.59
N GLU E 231 -27.50 4.65 31.25
CA GLU E 231 -27.76 3.58 32.21
C GLU E 231 -26.42 2.94 32.57
N ASN E 232 -26.43 1.65 32.86
CA ASN E 232 -25.20 0.95 33.21
C ASN E 232 -24.67 0.18 32.00
N GLY E 233 -24.63 0.84 30.85
CA GLY E 233 -24.13 0.21 29.64
C GLY E 233 -25.19 -0.27 28.68
N TRP E 234 -24.74 -0.91 27.60
CA TRP E 234 -25.57 -1.46 26.53
C TRP E 234 -24.78 -1.46 25.23
N GLN E 235 -24.59 -2.64 24.64
CA GLN E 235 -23.83 -2.72 23.40
C GLN E 235 -24.51 -3.52 22.28
N ALA E 236 -23.79 -3.69 21.17
CA ALA E 236 -24.27 -4.43 20.01
C ALA E 236 -23.22 -4.33 18.89
N PHE E 237 -22.95 -5.45 18.22
CA PHE E 237 -21.96 -5.48 17.14
C PHE E 237 -22.58 -5.39 15.74
N GLY E 238 -22.05 -6.16 14.79
CA GLY E 238 -22.58 -6.12 13.44
C GLY E 238 -22.30 -7.34 12.59
N ASP E 239 -21.03 -7.72 12.52
CA ASP E 239 -20.58 -8.87 11.72
C ASP E 239 -19.08 -9.10 11.88
N PHE E 240 -18.72 -10.14 12.64
CA PHE E 240 -17.31 -10.45 12.85
C PHE E 240 -16.71 -11.24 11.69
N SER E 241 -17.48 -11.37 10.61
CA SER E 241 -17.00 -12.12 9.44
C SER E 241 -16.03 -11.30 8.60
N PRO E 242 -14.74 -11.65 8.64
CA PRO E 242 -13.70 -10.96 7.88
C PRO E 242 -14.04 -10.71 6.42
N THR E 243 -14.41 -11.76 5.70
CA THR E 243 -14.75 -11.66 4.29
C THR E 243 -15.27 -10.28 3.88
N ASP E 244 -15.95 -9.60 4.79
CA ASP E 244 -16.50 -8.29 4.52
C ASP E 244 -15.57 -7.11 4.82
N VAL E 245 -14.33 -7.40 5.23
CA VAL E 245 -13.34 -6.35 5.51
C VAL E 245 -12.63 -6.12 4.19
N HIS E 246 -13.06 -5.10 3.44
CA HIS E 246 -12.51 -4.81 2.13
C HIS E 246 -11.16 -4.09 2.08
N LYS E 247 -10.09 -4.85 1.87
CA LYS E 247 -8.74 -4.29 1.79
C LYS E 247 -8.36 -3.31 2.88
N GLN E 248 -8.44 -3.73 4.14
CA GLN E 248 -8.04 -2.86 5.25
C GLN E 248 -8.84 -1.58 5.48
N TYR E 249 -9.17 -0.87 4.40
CA TYR E 249 -9.88 0.41 4.51
C TYR E 249 -11.38 0.41 4.31
N ALA E 250 -12.07 -0.63 4.77
CA ALA E 250 -13.52 -0.67 4.63
C ALA E 250 -14.16 -1.91 5.22
N ILE E 251 -15.41 -1.76 5.66
CA ILE E 251 -16.19 -2.84 6.24
C ILE E 251 -17.68 -2.64 5.95
N VAL E 252 -18.36 -3.74 5.62
CA VAL E 252 -19.80 -3.71 5.35
C VAL E 252 -20.44 -4.74 6.27
N PHE E 253 -21.52 -4.35 6.96
CA PHE E 253 -22.17 -5.26 7.89
C PHE E 253 -23.68 -5.06 8.05
N ARG E 254 -24.26 -5.86 8.93
CA ARG E 254 -25.68 -5.81 9.22
C ARG E 254 -25.93 -5.25 10.62
N THR E 255 -26.86 -4.31 10.70
CA THR E 255 -27.26 -3.65 11.93
C THR E 255 -27.78 -4.65 12.97
N PRO E 256 -27.28 -4.58 14.22
CA PRO E 256 -27.72 -5.49 15.28
C PRO E 256 -29.06 -5.06 15.88
N PRO E 257 -29.84 -6.03 16.40
CA PRO E 257 -31.14 -5.77 17.01
C PRO E 257 -31.07 -5.10 18.38
N TYR E 258 -31.32 -3.79 18.41
CA TYR E 258 -31.29 -3.04 19.66
C TYR E 258 -32.43 -3.51 20.54
N HIS E 259 -32.20 -3.57 21.85
CA HIS E 259 -33.23 -4.01 22.78
C HIS E 259 -34.28 -2.91 22.95
N LYS E 260 -34.54 -2.18 21.86
CA LYS E 260 -35.50 -1.09 21.85
C LYS E 260 -36.95 -1.56 21.96
N MET E 261 -37.29 -2.14 23.12
CA MET E 261 -38.64 -2.63 23.38
C MET E 261 -39.64 -1.55 23.04
N LYS E 262 -39.33 -0.33 23.47
CA LYS E 262 -40.18 0.84 23.25
C LYS E 262 -40.17 1.23 21.77
N ILE E 263 -41.00 0.54 20.99
CA ILE E 263 -41.09 0.82 19.56
C ILE E 263 -41.82 2.14 19.28
N GLU E 264 -41.68 3.10 20.19
CA GLU E 264 -42.34 4.40 20.04
C GLU E 264 -41.71 5.24 18.92
N ARG E 265 -41.56 6.53 19.19
CA ARG E 265 -40.97 7.46 18.21
C ARG E 265 -39.55 7.04 17.83
N PRO E 266 -38.97 7.69 16.80
CA PRO E 266 -37.60 7.35 16.36
C PRO E 266 -36.50 7.72 17.35
N VAL E 267 -35.66 6.74 17.68
CA VAL E 267 -34.55 6.96 18.62
C VAL E 267 -33.20 6.91 17.91
N THR E 268 -32.42 7.99 18.05
CA THR E 268 -31.11 8.09 17.44
C THR E 268 -30.03 7.75 18.46
N VAL E 269 -29.13 6.84 18.11
CA VAL E 269 -28.07 6.45 19.04
C VAL E 269 -26.68 6.71 18.49
N PHE E 270 -25.69 6.47 19.34
CA PHE E 270 -24.28 6.65 19.00
C PHE E 270 -23.75 5.44 18.26
N LEU E 271 -22.70 5.66 17.47
CA LEU E 271 -22.07 4.61 16.71
C LEU E 271 -20.60 4.95 16.55
N GLN E 272 -19.73 3.96 16.79
CA GLN E 272 -18.30 4.17 16.66
C GLN E 272 -17.49 2.88 16.69
N LEU E 273 -16.54 2.80 15.78
CA LEU E 273 -15.67 1.65 15.63
C LEU E 273 -14.77 1.44 16.85
N LYS E 274 -14.41 0.18 17.12
CA LYS E 274 -13.56 -0.14 18.27
C LYS E 274 -12.54 -1.24 17.96
N ARG E 275 -11.46 -1.28 18.73
CA ARG E 275 -10.44 -2.30 18.53
C ARG E 275 -10.58 -3.31 19.66
N LYS E 276 -10.32 -4.57 19.36
CA LYS E 276 -10.45 -5.61 20.36
C LYS E 276 -9.45 -5.41 21.49
N ARG E 277 -8.21 -5.84 21.27
CA ARG E 277 -7.17 -5.72 22.29
C ARG E 277 -6.94 -4.28 22.74
N GLY E 278 -6.54 -3.42 21.81
CA GLY E 278 -6.29 -2.03 22.15
C GLY E 278 -7.50 -1.30 22.70
N GLY E 279 -8.68 -1.62 22.19
CA GLY E 279 -9.88 -0.97 22.64
C GLY E 279 -9.96 0.49 22.23
N ASP E 280 -9.65 0.77 20.97
CA ASP E 280 -9.69 2.15 20.48
C ASP E 280 -11.13 2.61 20.29
N VAL E 281 -11.31 3.68 19.51
CA VAL E 281 -12.65 4.22 19.26
C VAL E 281 -12.59 5.32 18.20
N SER E 282 -13.74 5.91 17.92
CA SER E 282 -13.84 6.99 16.94
C SER E 282 -14.72 8.08 17.53
N ASP E 283 -15.41 8.84 16.67
CA ASP E 283 -16.27 9.94 17.12
C ASP E 283 -17.75 9.60 17.16
N SER E 284 -18.56 10.61 17.48
CA SER E 284 -20.02 10.45 17.58
C SER E 284 -20.74 10.55 16.24
N LYS E 285 -20.99 9.39 15.64
CA LYS E 285 -21.70 9.33 14.37
C LYS E 285 -23.17 9.06 14.70
N GLN E 286 -24.05 9.85 14.11
CA GLN E 286 -25.48 9.72 14.38
C GLN E 286 -26.18 8.63 13.59
N PHE E 287 -26.69 7.63 14.30
CA PHE E 287 -27.41 6.52 13.68
C PHE E 287 -28.84 6.52 14.21
N THR E 288 -29.76 7.06 13.41
CA THR E 288 -31.16 7.14 13.78
C THR E 288 -31.89 5.81 13.54
N TYR E 289 -33.06 5.68 14.17
CA TYR E 289 -33.87 4.47 14.03
C TYR E 289 -35.28 4.81 13.54
N TYR E 290 -36.06 3.78 13.20
CA TYR E 290 -37.42 4.00 12.71
C TYR E 290 -38.43 2.95 13.12
N PRO E 291 -39.72 3.32 13.18
CA PRO E 291 -40.83 2.44 13.53
C PRO E 291 -41.23 1.56 12.36
N LEU E 292 -41.02 0.26 12.50
CA LEU E 292 -41.34 -0.72 11.47
C LEU E 292 -42.72 -0.51 10.84
N VAL E 293 -42.87 -0.95 9.59
CA VAL E 293 -44.15 -0.84 8.87
C VAL E 293 -44.27 -1.96 7.84
#